data_8RQR
#
_entry.id   8RQR
#
_cell.length_a   48.679
_cell.length_b   76.461
_cell.length_c   157.080
_cell.angle_alpha   90.000
_cell.angle_beta   90.000
_cell.angle_gamma   90.000
#
_symmetry.space_group_name_H-M   'P 21 2 21'
#
loop_
_entity.id
_entity.type
_entity.pdbx_description
1 polymer 'Apolipoprotein N-acyltransferase'
2 non-polymer '7.10 monoacylglycerol (S-form)'
3 non-polymer GLYCEROL
4 water water
#
_entity_poly.entity_id   1
_entity_poly.type   'polypeptide(L)'
_entity_poly.pdbx_seq_one_letter_code
;MGSSHHHHHHSSGLVPRGSHMAFASLIERQRIRLLLALLFGACGTLAFSPYDVWPAAIISLMGLQALTFNRRPLQSAAIG
FCWGFGLFGSGINWVYVSIATFGGMPGPVNIFLVVLLAAYLSLYTGLFAGVLSRLWPKTTWLRVAIAAPALWQVTEFLRG
WVLTGFPWLQFGYSQIDGPLKGLAPIMGVEAINFLLMMVSGLLALALVKRNWRPLVVAVVLFALPFPLRYIQWFTPQPEK
TIQVSMVQGDIPQSLKWDEGQLLNTLKIYYNATAPLMGKSSLIIWPESAITDLEINQQPFLKALDGELRDKGSSLVTGIV
DARLNKQNRYDTYNTIITLGKGAPYSYESADRYNKNHLVPFGEFVPLESILRPLAPFFDLPMSSFSRGPYIQPPLSANGI
ELTAAICYEIILGEQVRDNFRPDTDYLLTISNDAWFGKSIGPWQHFQMARMRALELARPLLRSTNNGITAVIGPQGEIQA
MIPQFTREVLTTNVTPTTGLTPYARTGNWPLWVLTALFGFAAVLMSLRQRRK
;
_entity_poly.pdbx_strand_id   A
#
# COMPACT_ATOMS: atom_id res chain seq x y z
N SER A 19 -9.07 -23.73 47.51
CA SER A 19 -7.77 -23.85 48.24
C SER A 19 -6.62 -24.12 47.27
N HIS A 20 -6.75 -23.56 46.07
CA HIS A 20 -5.70 -23.61 45.05
C HIS A 20 -5.63 -22.24 44.39
N MET A 21 -4.68 -22.07 43.48
CA MET A 21 -4.45 -20.80 42.80
C MET A 21 -4.53 -21.03 41.29
N ALA A 22 -5.72 -21.37 40.81
CA ALA A 22 -5.89 -21.63 39.39
C ALA A 22 -5.52 -20.43 38.53
N PHE A 23 -5.59 -19.21 39.08
CA PHE A 23 -5.18 -18.03 38.33
C PHE A 23 -3.68 -17.97 38.10
N ALA A 24 -2.89 -18.78 38.81
CA ALA A 24 -1.44 -18.71 38.76
C ALA A 24 -0.81 -19.95 38.14
N SER A 25 -1.60 -20.84 37.55
CA SER A 25 -1.05 -22.00 36.86
C SER A 25 -0.25 -21.57 35.64
N LEU A 26 0.68 -22.42 35.23
CA LEU A 26 1.50 -22.13 34.06
C LEU A 26 0.63 -21.92 32.82
N ILE A 27 -0.34 -22.80 32.60
CA ILE A 27 -1.16 -22.69 31.40
C ILE A 27 -2.00 -21.41 31.45
N GLU A 28 -2.49 -21.05 32.64
CA GLU A 28 -3.28 -19.84 32.77
C GLU A 28 -2.42 -18.59 32.52
N ARG A 29 -1.17 -18.60 32.99
CA ARG A 29 -0.30 -17.46 32.70
C ARG A 29 -0.07 -17.31 31.21
N GLN A 30 0.01 -18.44 30.49
CA GLN A 30 0.16 -18.38 29.05
C GLN A 30 -1.12 -17.85 28.39
N ARG A 31 -2.29 -18.23 28.89
CA ARG A 31 -3.52 -17.70 28.33
C ARG A 31 -3.63 -16.20 28.55
N ILE A 32 -3.20 -15.73 29.71
CA ILE A 32 -3.16 -14.29 29.97
C ILE A 32 -2.28 -13.59 28.94
N ARG A 33 -1.13 -14.20 28.60
CA ARG A 33 -0.28 -13.60 27.59
C ARG A 33 -0.97 -13.55 26.23
N LEU A 34 -1.77 -14.58 25.91
CA LEU A 34 -2.43 -14.59 24.60
C LEU A 34 -3.47 -13.47 24.51
N LEU A 35 -4.21 -13.23 25.60
CA LEU A 35 -5.19 -12.16 25.60
C LEU A 35 -4.52 -10.80 25.46
N LEU A 36 -3.49 -10.56 26.25
CA LEU A 36 -2.73 -9.31 26.13
C LEU A 36 -2.15 -9.15 24.73
N ALA A 37 -1.62 -10.24 24.16
CA ALA A 37 -1.11 -10.16 22.80
C ALA A 37 -2.21 -9.69 21.85
N LEU A 38 -3.42 -10.23 22.02
CA LEU A 38 -4.55 -9.81 21.20
C LEU A 38 -4.77 -8.31 21.29
N LEU A 39 -4.80 -7.77 22.52
CA LEU A 39 -5.06 -6.34 22.71
C LEU A 39 -3.89 -5.48 22.25
N PHE A 40 -2.65 -5.93 22.47
CA PHE A 40 -1.52 -5.13 22.01
C PHE A 40 -1.46 -5.10 20.48
N GLY A 41 -1.80 -6.22 19.83
CA GLY A 41 -1.90 -6.21 18.38
C GLY A 41 -2.94 -5.22 17.89
N ALA A 42 -4.13 -5.23 18.51
CA ALA A 42 -5.21 -4.37 18.06
C ALA A 42 -4.87 -2.91 18.23
N CYS A 43 -4.15 -2.58 19.30
CA CYS A 43 -3.72 -1.21 19.52
C CYS A 43 -2.91 -0.68 18.33
N GLY A 44 -2.18 -1.56 17.64
CA GLY A 44 -1.38 -1.12 16.52
C GLY A 44 -2.20 -0.53 15.40
N THR A 45 -3.47 -0.94 15.29
CA THR A 45 -4.34 -0.41 14.26
C THR A 45 -4.54 1.09 14.42
N LEU A 46 -4.44 1.58 15.66
CA LEU A 46 -4.55 3.01 15.92
C LEU A 46 -3.39 3.80 15.33
N ALA A 47 -2.29 3.13 14.97
CA ALA A 47 -1.16 3.84 14.38
C ALA A 47 -1.48 4.34 12.97
N PHE A 48 -2.42 3.70 12.29
CA PHE A 48 -2.69 3.99 10.89
C PHE A 48 -3.86 4.94 10.77
N SER A 49 -3.97 5.55 9.59
CA SER A 49 -5.10 6.42 9.33
C SER A 49 -6.38 5.59 9.41
N PRO A 50 -7.50 6.20 9.82
CA PRO A 50 -7.71 7.62 10.10
C PRO A 50 -7.44 8.02 11.55
N TYR A 51 -6.89 7.12 12.37
CA TYR A 51 -6.58 7.44 13.76
C TYR A 51 -5.26 8.19 13.86
N ASP A 52 -4.22 7.67 13.22
CA ASP A 52 -2.95 8.39 13.06
C ASP A 52 -2.28 8.68 14.40
N VAL A 53 -2.39 7.73 15.32
CA VAL A 53 -1.72 7.83 16.62
C VAL A 53 -0.40 7.07 16.51
N TRP A 54 0.64 7.72 16.00
CA TRP A 54 1.86 6.98 15.69
C TRP A 54 2.50 6.32 16.91
N PRO A 55 2.40 6.85 18.13
CA PRO A 55 2.97 6.14 19.27
C PRO A 55 2.36 4.77 19.50
N ALA A 56 1.14 4.52 19.02
CA ALA A 56 0.51 3.21 19.22
C ALA A 56 1.27 2.10 18.52
N ALA A 57 1.96 2.42 17.43
CA ALA A 57 2.80 1.40 16.78
C ALA A 57 3.90 0.93 17.73
N ILE A 58 4.48 1.85 18.50
CA ILE A 58 5.53 1.46 19.45
C ILE A 58 4.93 0.67 20.61
N ILE A 59 3.77 1.10 21.11
CA ILE A 59 3.13 0.35 22.18
C ILE A 59 2.83 -1.06 21.73
N SER A 60 2.37 -1.20 20.49
CA SER A 60 1.97 -2.51 19.99
C SER A 60 3.15 -3.44 19.79
N LEU A 61 4.29 -2.88 19.34
CA LEU A 61 5.48 -3.69 19.13
C LEU A 61 6.18 -4.00 20.45
N MET A 62 6.11 -3.08 21.41
CA MET A 62 6.62 -3.40 22.75
C MET A 62 5.93 -4.63 23.31
N GLY A 63 4.60 -4.65 23.25
CA GLY A 63 3.87 -5.82 23.71
C GLY A 63 4.36 -7.09 23.05
N LEU A 64 4.46 -7.08 21.72
CA LEU A 64 4.95 -8.25 21.01
C LEU A 64 6.29 -8.69 21.58
N GLN A 65 7.25 -7.76 21.67
CA GLN A 65 8.58 -8.13 22.11
C GLN A 65 8.58 -8.58 23.58
N ALA A 66 7.79 -7.92 24.43
CA ALA A 66 7.83 -8.25 25.85
C ALA A 66 7.04 -9.52 26.18
N LEU A 67 5.91 -9.72 25.54
CA LEU A 67 5.09 -10.88 25.84
C LEU A 67 5.75 -12.18 25.41
N THR A 68 6.75 -12.12 24.53
CA THR A 68 7.41 -13.32 24.04
C THR A 68 8.67 -13.67 24.83
N PHE A 69 9.11 -12.83 25.75
CA PHE A 69 10.26 -13.15 26.60
C PHE A 69 9.99 -14.40 27.44
N ASN A 70 11.06 -15.13 27.72
CA ASN A 70 11.03 -16.31 28.60
C ASN A 70 9.84 -17.20 28.28
N ARG A 71 9.73 -17.57 27.01
CA ARG A 71 8.72 -18.50 26.53
C ARG A 71 9.44 -19.59 25.75
N ARG A 72 8.88 -20.80 25.77
CA ARG A 72 9.31 -21.81 24.83
C ARG A 72 8.89 -21.39 23.43
N PRO A 73 9.60 -21.87 22.40
CA PRO A 73 9.30 -21.41 21.03
C PRO A 73 7.83 -21.55 20.64
N LEU A 74 7.22 -22.71 20.90
CA LEU A 74 5.82 -22.89 20.52
C LEU A 74 4.88 -21.95 21.29
N GLN A 75 5.22 -21.63 22.53
CA GLN A 75 4.46 -20.64 23.27
C GLN A 75 4.62 -19.25 22.66
N SER A 76 5.86 -18.90 22.29
CA SER A 76 6.12 -17.63 21.64
C SER A 76 5.36 -17.52 20.32
N ALA A 77 5.34 -18.59 19.54
CA ALA A 77 4.62 -18.56 18.27
C ALA A 77 3.14 -18.30 18.48
N ALA A 78 2.54 -18.98 19.46
CA ALA A 78 1.14 -18.73 19.80
C ALA A 78 0.90 -17.28 20.16
N ILE A 79 1.82 -16.68 20.93
CA ILE A 79 1.65 -15.30 21.34
C ILE A 79 1.77 -14.38 20.12
N GLY A 80 2.73 -14.67 19.24
CA GLY A 80 2.89 -13.86 18.03
C GLY A 80 1.70 -14.00 17.10
N PHE A 81 1.12 -15.19 17.02
CA PHE A 81 -0.09 -15.38 16.22
C PHE A 81 -1.24 -14.56 16.75
N CYS A 82 -1.46 -14.61 18.07
CA CYS A 82 -2.55 -13.86 18.68
C CYS A 82 -2.31 -12.36 18.57
N TRP A 83 -1.06 -11.92 18.67
CA TRP A 83 -0.76 -10.50 18.44
C TRP A 83 -1.15 -10.09 17.02
N GLY A 84 -0.76 -10.90 16.03
CA GLY A 84 -1.17 -10.60 14.67
C GLY A 84 -2.68 -10.66 14.51
N PHE A 85 -3.32 -11.60 15.20
CA PHE A 85 -4.76 -11.70 15.06
C PHE A 85 -5.44 -10.43 15.56
N GLY A 86 -4.93 -9.86 16.64
CA GLY A 86 -5.45 -8.57 17.09
C GLY A 86 -5.22 -7.47 16.08
N LEU A 87 -4.02 -7.45 15.46
CA LEU A 87 -3.70 -6.39 14.52
C LEU A 87 -4.52 -6.49 13.24
N PHE A 88 -4.46 -7.66 12.59
CA PHE A 88 -5.20 -7.82 11.34
C PHE A 88 -6.69 -7.95 11.60
N GLY A 89 -7.07 -8.61 12.70
CA GLY A 89 -8.49 -8.74 13.01
C GLY A 89 -9.17 -7.39 13.14
N SER A 90 -8.50 -6.43 13.76
CA SER A 90 -9.05 -5.09 13.92
C SER A 90 -8.68 -4.15 12.77
N GLY A 91 -7.61 -4.45 12.04
CA GLY A 91 -7.05 -3.52 11.08
C GLY A 91 -7.41 -3.74 9.62
N ILE A 92 -7.77 -4.95 9.21
CA ILE A 92 -8.20 -5.16 7.83
C ILE A 92 -9.54 -5.88 7.77
N ASN A 93 -10.36 -5.78 8.82
CA ASN A 93 -11.70 -6.35 8.70
C ASN A 93 -12.60 -5.51 7.80
N TRP A 94 -12.14 -4.34 7.35
CA TRP A 94 -12.92 -3.54 6.42
C TRP A 94 -13.18 -4.28 5.11
N VAL A 95 -12.38 -5.30 4.78
CA VAL A 95 -12.64 -6.11 3.59
C VAL A 95 -14.02 -6.75 3.67
N TYR A 96 -14.53 -6.97 4.89
CA TYR A 96 -15.89 -7.46 5.06
C TYR A 96 -16.89 -6.64 4.25
N VAL A 97 -16.69 -5.32 4.19
CA VAL A 97 -17.66 -4.45 3.53
C VAL A 97 -17.85 -4.85 2.08
N SER A 98 -16.75 -5.17 1.39
CA SER A 98 -16.87 -5.62 0.01
C SER A 98 -17.50 -7.01 -0.05
N ILE A 99 -17.02 -7.95 0.76
CA ILE A 99 -17.57 -9.30 0.73
C ILE A 99 -19.08 -9.24 0.95
N ALA A 100 -19.50 -8.55 2.02
CA ALA A 100 -20.91 -8.56 2.40
C ALA A 100 -21.78 -7.81 1.41
N THR A 101 -21.25 -6.79 0.75
CA THR A 101 -22.08 -6.06 -0.20
C THR A 101 -22.25 -6.82 -1.52
N PHE A 102 -21.19 -7.47 -2.00
CA PHE A 102 -21.17 -8.02 -3.35
C PHE A 102 -20.96 -9.52 -3.44
N GLY A 103 -20.71 -10.21 -2.31
CA GLY A 103 -20.34 -11.62 -2.39
C GLY A 103 -21.49 -12.59 -2.45
N GLY A 104 -22.71 -12.15 -2.13
CA GLY A 104 -23.86 -13.03 -2.18
C GLY A 104 -23.88 -14.13 -1.14
N MET A 105 -23.02 -14.07 -0.14
CA MET A 105 -22.89 -15.21 0.77
C MET A 105 -23.55 -14.92 2.11
N PRO A 106 -23.84 -15.96 2.88
CA PRO A 106 -24.41 -15.75 4.22
C PRO A 106 -23.47 -14.97 5.13
N GLY A 107 -24.07 -14.07 5.93
CA GLY A 107 -23.30 -13.25 6.85
C GLY A 107 -22.30 -14.00 7.71
N PRO A 108 -22.63 -15.19 8.20
CA PRO A 108 -21.63 -15.95 8.97
C PRO A 108 -20.48 -16.45 8.10
N VAL A 109 -20.74 -16.80 6.84
CA VAL A 109 -19.65 -17.14 5.92
C VAL A 109 -18.76 -15.92 5.71
N ASN A 110 -19.36 -14.74 5.59
CA ASN A 110 -18.59 -13.52 5.38
C ASN A 110 -17.68 -13.23 6.58
N ILE A 111 -18.19 -13.42 7.79
CA ILE A 111 -17.35 -13.21 8.96
C ILE A 111 -16.22 -14.22 8.98
N PHE A 112 -16.53 -15.48 8.67
CA PHE A 112 -15.52 -16.53 8.72
C PHE A 112 -14.42 -16.28 7.69
N LEU A 113 -14.79 -15.83 6.49
CA LEU A 113 -13.77 -15.52 5.49
C LEU A 113 -12.82 -14.44 5.99
N VAL A 114 -13.35 -13.46 6.73
CA VAL A 114 -12.49 -12.39 7.25
C VAL A 114 -11.62 -12.92 8.39
N VAL A 115 -12.20 -13.70 9.29
CA VAL A 115 -11.42 -14.40 10.30
C VAL A 115 -10.30 -15.20 9.64
N LEU A 116 -10.63 -15.90 8.56
CA LEU A 116 -9.65 -16.72 7.86
C LEU A 116 -8.50 -15.86 7.33
N LEU A 117 -8.83 -14.73 6.72
CA LEU A 117 -7.78 -13.83 6.26
C LEU A 117 -6.89 -13.38 7.41
N ALA A 118 -7.49 -12.94 8.52
CA ALA A 118 -6.68 -12.46 9.64
C ALA A 118 -5.80 -13.58 10.22
N ALA A 119 -6.34 -14.79 10.33
CA ALA A 119 -5.53 -15.92 10.79
C ALA A 119 -4.37 -16.19 9.84
N TYR A 120 -4.63 -16.16 8.53
CA TYR A 120 -3.56 -16.44 7.58
C TYR A 120 -2.41 -15.47 7.75
N LEU A 121 -2.70 -14.17 7.78
CA LEU A 121 -1.64 -13.18 7.94
C LEU A 121 -0.93 -13.32 9.28
N SER A 122 -1.65 -13.76 10.31
CA SER A 122 -1.06 -13.96 11.63
C SER A 122 -0.07 -15.11 11.68
N LEU A 123 -0.04 -15.97 10.66
CA LEU A 123 0.96 -17.02 10.62
C LEU A 123 2.36 -16.44 10.50
N TYR A 124 2.50 -15.27 9.87
CA TYR A 124 3.83 -14.69 9.70
C TYR A 124 4.31 -14.02 10.98
N THR A 125 3.41 -13.48 11.79
CA THR A 125 3.83 -12.94 13.08
C THR A 125 4.08 -14.05 14.09
N GLY A 126 3.31 -15.14 14.04
CA GLY A 126 3.67 -16.32 14.82
C GLY A 126 5.01 -16.89 14.40
N LEU A 127 5.26 -16.93 13.08
CA LEU A 127 6.55 -17.40 12.59
C LEU A 127 7.68 -16.55 13.15
N PHE A 128 7.53 -15.22 13.07
CA PHE A 128 8.52 -14.33 13.65
C PHE A 128 8.78 -14.65 15.12
N ALA A 129 7.70 -14.73 15.90
CA ALA A 129 7.84 -14.95 17.34
C ALA A 129 8.47 -16.30 17.64
N GLY A 130 7.99 -17.36 16.98
CA GLY A 130 8.53 -18.68 17.23
C GLY A 130 10.01 -18.76 16.90
N VAL A 131 10.41 -18.22 15.74
CA VAL A 131 11.81 -18.29 15.35
C VAL A 131 12.68 -17.45 16.28
N LEU A 132 12.21 -16.26 16.64
CA LEU A 132 12.98 -15.41 17.54
C LEU A 132 13.22 -16.10 18.87
N SER A 133 12.21 -16.80 19.38
CA SER A 133 12.32 -17.46 20.66
C SER A 133 13.30 -18.64 20.60
N ARG A 134 13.29 -19.39 19.49
CA ARG A 134 14.13 -20.58 19.41
C ARG A 134 15.61 -20.22 19.35
N LEU A 135 15.96 -19.22 18.55
CA LEU A 135 17.36 -18.93 18.30
C LEU A 135 17.95 -17.93 19.29
N TRP A 136 17.10 -17.12 19.92
CA TRP A 136 17.54 -16.14 20.91
C TRP A 136 16.63 -16.24 22.13
N PRO A 137 16.73 -17.34 22.88
CA PRO A 137 15.85 -17.52 24.04
C PRO A 137 16.11 -16.52 25.16
N LYS A 138 17.37 -16.15 25.39
CA LYS A 138 17.69 -15.25 26.49
C LYS A 138 17.13 -13.86 26.21
N THR A 139 16.70 -13.18 27.27
CA THR A 139 16.20 -11.80 27.19
C THR A 139 17.39 -10.85 27.22
N THR A 140 17.84 -10.42 26.04
CA THR A 140 19.05 -9.63 25.90
C THR A 140 18.84 -8.56 24.83
N TRP A 141 19.75 -7.58 24.81
CA TRP A 141 19.68 -6.53 23.80
C TRP A 141 19.95 -7.06 22.40
N LEU A 142 20.64 -8.19 22.27
CA LEU A 142 20.88 -8.78 20.97
C LEU A 142 19.59 -9.31 20.36
N ARG A 143 18.82 -10.04 21.16
CA ARG A 143 17.52 -10.52 20.69
C ARG A 143 16.69 -9.39 20.11
N VAL A 144 16.50 -8.31 20.88
CA VAL A 144 15.49 -7.32 20.50
C VAL A 144 16.03 -6.25 19.56
N ALA A 145 17.31 -5.90 19.64
CA ALA A 145 17.83 -4.80 18.85
C ALA A 145 18.51 -5.24 17.56
N ILE A 146 19.02 -6.47 17.50
CA ILE A 146 19.76 -6.96 16.36
C ILE A 146 18.98 -8.04 15.62
N ALA A 147 18.56 -9.09 16.33
CA ALA A 147 17.91 -10.23 15.69
C ALA A 147 16.48 -9.89 15.26
N ALA A 148 15.68 -9.35 16.19
CA ALA A 148 14.27 -9.09 15.88
C ALA A 148 14.08 -8.19 14.67
N PRO A 149 14.79 -7.07 14.54
CA PRO A 149 14.61 -6.26 13.32
C PRO A 149 14.92 -7.03 12.05
N ALA A 150 16.05 -7.75 12.05
CA ALA A 150 16.41 -8.53 10.87
C ALA A 150 15.36 -9.58 10.56
N LEU A 151 14.86 -10.27 11.58
CA LEU A 151 13.91 -11.34 11.36
C LEU A 151 12.55 -10.80 10.98
N TRP A 152 12.17 -9.65 11.53
CA TRP A 152 10.92 -9.00 11.15
C TRP A 152 10.94 -8.60 9.68
N GLN A 153 12.10 -8.14 9.20
CA GLN A 153 12.22 -7.81 7.79
C GLN A 153 12.00 -9.03 6.91
N VAL A 154 12.52 -10.18 7.32
CA VAL A 154 12.35 -11.40 6.54
C VAL A 154 10.91 -11.89 6.60
N THR A 155 10.34 -12.03 7.81
CA THR A 155 8.98 -12.53 7.90
C THR A 155 7.97 -11.58 7.25
N GLU A 156 8.24 -10.26 7.27
CA GLU A 156 7.32 -9.34 6.62
C GLU A 156 7.49 -9.35 5.11
N PHE A 157 8.70 -9.62 4.63
CA PHE A 157 8.87 -9.82 3.20
C PHE A 157 8.06 -11.01 2.72
N LEU A 158 8.10 -12.11 3.47
CA LEU A 158 7.35 -13.31 3.10
C LEU A 158 5.85 -13.04 3.08
N ARG A 159 5.35 -12.35 4.11
CA ARG A 159 3.94 -11.96 4.10
C ARG A 159 3.56 -11.22 2.83
N GLY A 160 4.45 -10.35 2.35
CA GLY A 160 4.21 -9.57 1.16
C GLY A 160 4.57 -10.24 -0.14
N TRP A 161 5.02 -11.49 -0.12
CA TRP A 161 5.51 -12.17 -1.30
C TRP A 161 4.77 -13.47 -1.59
N VAL A 162 4.55 -14.29 -0.57
CA VAL A 162 3.88 -15.57 -0.75
C VAL A 162 2.50 -15.34 -1.36
N LEU A 163 2.21 -16.07 -2.44
CA LEU A 163 0.90 -16.06 -3.09
C LEU A 163 0.52 -14.66 -3.58
N THR A 164 1.53 -13.93 -4.06
CA THR A 164 1.42 -12.56 -4.57
C THR A 164 1.44 -11.54 -3.43
N GLY A 165 1.01 -11.94 -2.23
CA GLY A 165 1.31 -11.20 -1.02
C GLY A 165 0.23 -10.21 -0.63
N PHE A 166 0.34 -9.75 0.62
CA PHE A 166 -0.53 -8.70 1.15
C PHE A 166 0.24 -7.95 2.22
N PRO A 167 1.05 -6.95 1.82
CA PRO A 167 1.87 -6.22 2.79
C PRO A 167 1.14 -5.05 3.44
N TRP A 168 -0.12 -5.25 3.78
CA TRP A 168 -0.93 -4.23 4.46
C TRP A 168 -0.57 -4.14 5.94
N LEU A 169 -0.64 -2.92 6.48
CA LEU A 169 -0.35 -2.65 7.88
C LEU A 169 1.12 -2.87 8.25
N GLN A 170 2.01 -2.12 7.60
CA GLN A 170 3.40 -2.01 8.04
C GLN A 170 3.55 -0.70 8.80
N PHE A 171 4.05 -0.81 10.04
CA PHE A 171 4.04 0.34 10.94
C PHE A 171 4.84 1.52 10.42
N GLY A 172 5.76 1.30 9.49
CA GLY A 172 6.53 2.40 8.95
C GLY A 172 5.65 3.46 8.31
N TYR A 173 4.52 3.03 7.72
CA TYR A 173 3.61 3.97 7.09
C TYR A 173 2.98 4.94 8.09
N SER A 174 2.92 4.54 9.37
CA SER A 174 2.35 5.39 10.40
C SER A 174 3.24 6.58 10.74
N GLN A 175 4.41 6.67 10.14
CA GLN A 175 5.35 7.76 10.38
C GLN A 175 5.34 8.79 9.27
N ILE A 176 4.36 8.73 8.36
CA ILE A 176 4.29 9.71 7.28
C ILE A 176 4.26 11.13 7.85
N ASP A 177 3.56 11.33 8.97
CA ASP A 177 3.56 12.60 9.68
C ASP A 177 4.25 12.49 11.03
N GLY A 178 5.28 11.65 11.11
CA GLY A 178 5.94 11.39 12.37
C GLY A 178 7.38 11.86 12.36
N PRO A 179 8.08 11.65 13.48
CA PRO A 179 9.47 12.11 13.58
C PRO A 179 10.47 11.27 12.79
N LEU A 180 10.10 10.09 12.30
CA LEU A 180 11.01 9.23 11.54
C LEU A 180 10.82 9.34 10.04
N LYS A 181 9.98 10.27 9.57
CA LYS A 181 9.65 10.28 8.14
C LYS A 181 10.87 10.56 7.28
N GLY A 182 11.88 11.24 7.82
CA GLY A 182 13.07 11.55 7.04
C GLY A 182 13.85 10.32 6.59
N LEU A 183 13.60 9.16 7.22
CA LEU A 183 14.29 7.95 6.80
C LEU A 183 13.78 7.41 5.48
N ALA A 184 12.50 7.64 5.15
CA ALA A 184 11.90 6.95 4.00
C ALA A 184 12.52 7.37 2.67
N PRO A 185 12.84 8.64 2.44
CA PRO A 185 13.51 9.02 1.19
C PRO A 185 14.92 8.49 1.07
N ILE A 186 15.50 7.98 2.15
CA ILE A 186 16.88 7.52 2.12
C ILE A 186 16.96 6.01 1.94
N MET A 187 16.09 5.28 2.60
CA MET A 187 16.13 3.82 2.57
C MET A 187 14.75 3.19 2.41
N GLY A 188 13.71 3.98 2.22
CA GLY A 188 12.38 3.45 2.02
C GLY A 188 11.66 3.19 3.35
N VAL A 189 10.36 2.92 3.21
CA VAL A 189 9.52 2.77 4.40
C VAL A 189 9.98 1.60 5.24
N GLU A 190 10.57 0.57 4.63
CA GLU A 190 10.96 -0.61 5.40
C GLU A 190 12.08 -0.30 6.37
N ALA A 191 12.86 0.76 6.12
CA ALA A 191 13.81 1.22 7.10
C ALA A 191 13.11 1.71 8.36
N ILE A 192 11.89 2.25 8.21
CA ILE A 192 11.14 2.68 9.38
C ILE A 192 10.56 1.48 10.12
N ASN A 193 10.09 0.46 9.40
CA ASN A 193 9.68 -0.78 10.07
C ASN A 193 10.84 -1.33 10.90
N PHE A 194 12.04 -1.29 10.31
CA PHE A 194 13.24 -1.79 10.97
C PHE A 194 13.51 -1.05 12.27
N LEU A 195 13.60 0.28 12.21
CA LEU A 195 13.97 1.08 13.38
C LEU A 195 12.88 1.00 14.46
N LEU A 196 11.62 0.95 14.05
CA LEU A 196 10.54 0.87 15.04
C LEU A 196 10.62 -0.43 15.83
N MET A 197 10.85 -1.56 15.14
CA MET A 197 10.98 -2.82 15.85
C MET A 197 12.17 -2.78 16.80
N MET A 198 13.28 -2.17 16.35
CA MET A 198 14.47 -2.08 17.18
C MET A 198 14.22 -1.23 18.41
N VAL A 199 13.55 -0.08 18.24
CA VAL A 199 13.35 0.83 19.35
C VAL A 199 12.30 0.27 20.32
N SER A 200 11.25 -0.35 19.79
CA SER A 200 10.23 -0.93 20.65
C SER A 200 10.79 -2.10 21.45
N GLY A 201 11.69 -2.88 20.85
CA GLY A 201 12.34 -3.95 21.58
C GLY A 201 13.20 -3.43 22.71
N LEU A 202 13.92 -2.33 22.47
CA LEU A 202 14.76 -1.78 23.52
C LEU A 202 13.92 -1.21 24.66
N LEU A 203 12.74 -0.67 24.34
CA LEU A 203 11.83 -0.21 25.39
C LEU A 203 11.29 -1.40 26.19
N ALA A 204 10.89 -2.47 25.50
CA ALA A 204 10.45 -3.66 26.22
C ALA A 204 11.55 -4.22 27.10
N LEU A 205 12.79 -4.20 26.61
CA LEU A 205 13.91 -4.71 27.41
C LEU A 205 14.11 -3.87 28.66
N ALA A 206 14.13 -2.54 28.50
CA ALA A 206 14.26 -1.66 29.65
C ALA A 206 13.17 -1.95 30.68
N LEU A 207 11.98 -2.27 30.22
CA LEU A 207 10.84 -2.44 31.13
C LEU A 207 10.99 -3.70 31.98
N VAL A 208 11.29 -4.84 31.33
CA VAL A 208 11.26 -6.10 32.05
C VAL A 208 12.50 -6.27 32.93
N LYS A 209 13.65 -5.79 32.47
CA LYS A 209 14.86 -5.80 33.28
C LYS A 209 15.00 -4.56 34.16
N ARG A 210 13.99 -3.69 34.16
CA ARG A 210 14.00 -2.46 34.97
C ARG A 210 15.38 -1.79 34.91
N ASN A 211 15.86 -1.58 33.69
CA ASN A 211 17.21 -1.08 33.43
C ASN A 211 17.11 0.14 32.53
N TRP A 212 17.81 1.23 32.91
CA TRP A 212 17.70 2.47 32.17
C TRP A 212 18.57 2.52 30.92
N ARG A 213 19.57 1.64 30.80
CA ARG A 213 20.50 1.74 29.68
C ARG A 213 19.83 1.45 28.36
N PRO A 214 19.01 0.40 28.21
CA PRO A 214 18.33 0.19 26.91
C PRO A 214 17.34 1.29 26.57
N LEU A 215 16.78 1.97 27.58
CA LEU A 215 15.85 3.05 27.30
C LEU A 215 16.59 4.24 26.68
N VAL A 216 17.70 4.64 27.29
CA VAL A 216 18.50 5.72 26.73
C VAL A 216 18.91 5.40 25.31
N VAL A 217 19.42 4.18 25.09
CA VAL A 217 19.78 3.77 23.73
C VAL A 217 18.59 3.93 22.80
N ALA A 218 17.43 3.42 23.22
CA ALA A 218 16.23 3.50 22.40
C ALA A 218 15.88 4.94 22.05
N VAL A 219 15.99 5.84 23.03
CA VAL A 219 15.61 7.23 22.79
C VAL A 219 16.57 7.90 21.82
N VAL A 220 17.87 7.65 21.98
CA VAL A 220 18.87 8.19 21.05
C VAL A 220 18.60 7.68 19.64
N LEU A 221 18.37 6.37 19.50
CA LEU A 221 18.15 5.80 18.17
C LEU A 221 16.86 6.33 17.56
N PHE A 222 15.82 6.48 18.37
CA PHE A 222 14.57 7.03 17.87
C PHE A 222 14.73 8.50 17.49
N ALA A 223 15.64 9.21 18.16
CA ALA A 223 15.79 10.64 17.96
C ALA A 223 16.78 11.00 16.85
N LEU A 224 17.81 10.16 16.63
CA LEU A 224 18.81 10.48 15.63
C LEU A 224 18.23 10.81 14.26
N PRO A 225 17.17 10.14 13.79
CA PRO A 225 16.60 10.49 12.47
C PRO A 225 15.78 11.77 12.42
N PHE A 226 15.50 12.44 13.55
CA PHE A 226 14.56 13.55 13.51
C PHE A 226 14.97 14.61 12.49
N PRO A 227 16.22 15.07 12.45
CA PRO A 227 16.55 16.18 11.54
C PRO A 227 16.43 15.84 10.07
N LEU A 228 16.48 14.55 9.70
CA LEU A 228 16.35 14.18 8.29
C LEU A 228 15.04 14.67 7.69
N ARG A 229 13.98 14.78 8.50
CA ARG A 229 12.69 15.21 7.96
C ARG A 229 12.78 16.59 7.32
N TYR A 230 13.83 17.35 7.59
CA TYR A 230 14.00 18.68 7.02
C TYR A 230 14.77 18.68 5.71
N ILE A 231 15.21 17.52 5.23
CA ILE A 231 15.96 17.45 3.97
C ILE A 231 14.97 17.43 2.82
N GLN A 232 15.24 18.26 1.81
CA GLN A 232 14.52 18.22 0.53
C GLN A 232 15.50 17.72 -0.52
N TRP A 233 15.38 16.45 -0.88
CA TRP A 233 16.23 15.83 -1.88
C TRP A 233 15.89 16.26 -3.30
N PHE A 234 14.95 17.19 -3.45
CA PHE A 234 14.41 17.56 -4.74
C PHE A 234 14.56 19.06 -4.94
N THR A 235 14.32 19.48 -6.17
CA THR A 235 14.25 20.89 -6.51
C THR A 235 12.93 21.11 -7.21
N PRO A 236 12.15 22.13 -6.82
CA PRO A 236 10.93 22.44 -7.56
C PRO A 236 11.23 23.09 -8.90
N GLN A 237 10.30 22.91 -9.83
CA GLN A 237 10.40 23.47 -11.19
C GLN A 237 9.17 24.33 -11.43
N PRO A 238 9.18 25.61 -11.02
CA PRO A 238 7.98 26.44 -11.19
C PRO A 238 7.72 26.88 -12.62
N GLU A 239 8.74 26.88 -13.48
CA GLU A 239 8.49 27.17 -14.88
C GLU A 239 7.64 26.09 -15.53
N LYS A 240 7.38 24.98 -14.84
CA LYS A 240 6.52 23.91 -15.32
C LYS A 240 5.22 23.79 -14.54
N THR A 241 4.87 24.77 -13.73
CA THR A 241 3.64 24.68 -12.96
C THR A 241 2.44 24.69 -13.90
N ILE A 242 1.45 23.84 -13.59
CA ILE A 242 0.25 23.69 -14.41
C ILE A 242 -0.97 23.56 -13.51
N GLN A 243 -2.13 23.85 -14.09
CA GLN A 243 -3.40 23.54 -13.46
C GLN A 243 -3.79 22.11 -13.83
N VAL A 244 -3.98 21.27 -12.83
CA VAL A 244 -4.43 19.90 -13.01
C VAL A 244 -5.82 19.76 -12.40
N SER A 245 -6.67 18.97 -13.06
CA SER A 245 -8.02 18.70 -12.56
C SER A 245 -8.20 17.20 -12.44
N MET A 246 -8.93 16.78 -11.40
CA MET A 246 -9.22 15.37 -11.17
C MET A 246 -10.71 15.23 -10.93
N VAL A 247 -11.38 14.42 -11.75
CA VAL A 247 -12.83 14.33 -11.76
C VAL A 247 -13.22 13.13 -10.91
N GLN A 248 -13.84 13.39 -9.76
CA GLN A 248 -14.34 12.35 -8.87
C GLN A 248 -15.81 12.16 -9.20
N GLY A 249 -16.10 11.20 -10.08
CA GLY A 249 -17.46 11.01 -10.55
C GLY A 249 -18.40 10.46 -9.50
N ASP A 250 -17.87 9.73 -8.53
CA ASP A 250 -18.70 9.13 -7.48
C ASP A 250 -19.83 8.32 -8.11
N ILE A 251 -19.43 7.36 -8.95
CA ILE A 251 -20.35 6.46 -9.64
C ILE A 251 -20.58 5.23 -8.74
N PRO A 252 -21.83 4.90 -8.41
CA PRO A 252 -22.06 3.66 -7.63
C PRO A 252 -21.66 2.42 -8.41
N GLN A 253 -21.51 1.32 -7.68
CA GLN A 253 -20.97 0.09 -8.24
C GLN A 253 -22.05 -0.70 -8.95
N SER A 254 -21.76 -1.13 -10.19
CA SER A 254 -22.69 -1.91 -11.00
C SER A 254 -22.38 -3.40 -10.94
N TRP A 257 -24.27 -4.09 -16.34
CA TRP A 257 -23.94 -4.19 -17.76
C TRP A 257 -24.99 -3.49 -18.61
N ASP A 258 -25.25 -2.22 -18.27
CA ASP A 258 -26.23 -1.40 -18.98
C ASP A 258 -25.49 -0.37 -19.81
N GLU A 259 -25.76 -0.34 -21.12
CA GLU A 259 -25.16 0.69 -21.95
C GLU A 259 -25.72 2.07 -21.61
N GLY A 260 -26.96 2.14 -21.12
CA GLY A 260 -27.49 3.40 -20.66
C GLY A 260 -26.74 3.93 -19.44
N GLN A 261 -26.60 3.10 -18.41
CA GLN A 261 -25.79 3.47 -17.26
C GLN A 261 -24.39 3.89 -17.70
N LEU A 262 -23.79 3.15 -18.63
CA LEU A 262 -22.51 3.56 -19.17
C LEU A 262 -22.59 4.98 -19.73
N LEU A 263 -23.64 5.26 -20.50
CA LEU A 263 -23.75 6.57 -21.14
C LEU A 263 -23.99 7.67 -20.11
N ASN A 264 -24.81 7.39 -19.09
CA ASN A 264 -24.92 8.33 -17.97
C ASN A 264 -23.56 8.59 -17.32
N THR A 265 -22.65 7.61 -17.35
CA THR A 265 -21.33 7.83 -16.74
C THR A 265 -20.45 8.70 -17.62
N LEU A 266 -20.46 8.45 -18.93
CA LEU A 266 -19.73 9.32 -19.84
C LEU A 266 -20.28 10.74 -19.80
N LYS A 267 -21.58 10.89 -19.54
CA LYS A 267 -22.19 12.21 -19.43
C LYS A 267 -21.66 12.97 -18.22
N ILE A 268 -21.63 12.32 -17.05
CA ILE A 268 -21.08 12.96 -15.86
C ILE A 268 -19.63 13.40 -16.12
N TYR A 269 -18.82 12.48 -16.62
CA TYR A 269 -17.40 12.77 -16.76
C TYR A 269 -17.15 13.79 -17.85
N TYR A 270 -17.84 13.67 -18.99
CA TYR A 270 -17.63 14.62 -20.08
C TYR A 270 -18.04 16.02 -19.66
N ASN A 271 -19.22 16.15 -19.04
CA ASN A 271 -19.73 17.47 -18.70
C ASN A 271 -18.93 18.12 -17.56
N ALA A 272 -18.36 17.32 -16.66
CA ALA A 272 -17.46 17.88 -15.66
C ALA A 272 -16.15 18.32 -16.29
N THR A 273 -15.77 17.70 -17.41
CA THR A 273 -14.47 17.95 -18.02
C THR A 273 -14.50 19.11 -19.01
N ALA A 274 -15.60 19.27 -19.75
CA ALA A 274 -15.62 20.23 -20.85
C ALA A 274 -15.26 21.64 -20.41
N PRO A 275 -15.78 22.17 -19.30
CA PRO A 275 -15.39 23.54 -18.90
C PRO A 275 -13.93 23.66 -18.49
N LEU A 276 -13.23 22.56 -18.22
CA LEU A 276 -11.83 22.60 -17.82
C LEU A 276 -10.88 22.55 -19.00
N MET A 277 -11.35 22.19 -20.19
CA MET A 277 -10.52 22.21 -21.37
C MET A 277 -10.11 23.64 -21.71
N GLY A 278 -8.81 23.83 -21.96
CA GLY A 278 -8.26 25.15 -22.17
C GLY A 278 -7.77 25.84 -20.91
N LYS A 279 -8.18 25.35 -19.73
CA LYS A 279 -7.73 25.85 -18.45
C LYS A 279 -6.82 24.87 -17.73
N SER A 280 -7.25 23.62 -17.58
CA SER A 280 -6.44 22.59 -16.96
C SER A 280 -5.57 21.94 -18.02
N SER A 281 -4.25 21.98 -17.81
CA SER A 281 -3.33 21.31 -18.72
C SER A 281 -3.54 19.79 -18.68
N LEU A 282 -3.89 19.26 -17.51
CA LEU A 282 -4.02 17.84 -17.29
C LEU A 282 -5.34 17.57 -16.58
N ILE A 283 -6.13 16.67 -17.14
CA ILE A 283 -7.40 16.23 -16.56
C ILE A 283 -7.30 14.73 -16.35
N ILE A 284 -7.80 14.25 -15.20
CA ILE A 284 -7.62 12.86 -14.78
C ILE A 284 -8.96 12.28 -14.36
N TRP A 285 -9.30 11.10 -14.90
CA TRP A 285 -10.44 10.29 -14.52
C TRP A 285 -9.93 9.02 -13.83
N PRO A 286 -10.69 8.47 -12.89
CA PRO A 286 -10.18 7.40 -12.03
C PRO A 286 -10.19 6.02 -12.68
N GLU A 287 -9.83 5.01 -11.89
CA GLU A 287 -9.75 3.63 -12.36
C GLU A 287 -11.07 3.19 -12.99
N SER A 288 -10.98 2.70 -14.22
CA SER A 288 -12.14 2.17 -14.93
C SER A 288 -13.27 3.19 -14.99
N ALA A 289 -12.92 4.48 -15.10
CA ALA A 289 -13.95 5.51 -15.20
C ALA A 289 -14.88 5.22 -16.37
N ILE A 290 -14.31 4.94 -17.53
CA ILE A 290 -15.04 4.47 -18.69
C ILE A 290 -15.26 2.97 -18.49
N THR A 291 -16.48 2.60 -18.10
CA THR A 291 -16.82 1.22 -17.80
C THR A 291 -17.29 0.50 -19.06
N ASP A 292 -16.49 0.56 -20.11
CA ASP A 292 -16.74 -0.17 -21.34
C ASP A 292 -15.40 -0.49 -21.97
N LEU A 293 -15.40 -1.48 -22.86
CA LEU A 293 -14.18 -1.84 -23.56
C LEU A 293 -13.69 -0.69 -24.42
N GLU A 294 -12.36 -0.53 -24.48
CA GLU A 294 -11.77 0.52 -25.29
C GLU A 294 -12.16 0.36 -26.76
N ILE A 295 -12.27 -0.88 -27.23
CA ILE A 295 -12.64 -1.13 -28.62
C ILE A 295 -14.09 -0.74 -28.92
N ASN A 296 -14.95 -0.67 -27.91
CA ASN A 296 -16.34 -0.29 -28.15
C ASN A 296 -16.57 1.20 -27.96
N GLN A 297 -15.51 1.97 -27.73
CA GLN A 297 -15.64 3.39 -27.42
C GLN A 297 -14.74 4.23 -28.32
N GLN A 298 -14.40 3.73 -29.49
CA GLN A 298 -13.54 4.50 -30.38
C GLN A 298 -14.16 5.82 -30.78
N PRO A 299 -15.44 5.89 -31.18
CA PRO A 299 -16.00 7.20 -31.55
C PRO A 299 -15.93 8.21 -30.42
N PHE A 300 -16.30 7.80 -29.20
CA PHE A 300 -16.21 8.68 -28.05
C PHE A 300 -14.77 9.15 -27.84
N LEU A 301 -13.82 8.21 -27.86
CA LEU A 301 -12.45 8.55 -27.50
C LEU A 301 -11.81 9.48 -28.52
N LYS A 302 -12.08 9.24 -29.81
CA LYS A 302 -11.46 10.06 -30.85
C LYS A 302 -12.12 11.44 -30.94
N ALA A 303 -13.41 11.54 -30.65
CA ALA A 303 -14.04 12.86 -30.52
C ALA A 303 -13.47 13.61 -29.33
N LEU A 304 -13.43 12.95 -28.17
CA LEU A 304 -12.85 13.54 -26.97
C LEU A 304 -11.43 14.02 -27.22
N ASP A 305 -10.60 13.16 -27.83
CA ASP A 305 -9.24 13.52 -28.19
C ASP A 305 -9.18 14.84 -28.95
N GLY A 306 -10.10 15.03 -29.91
CA GLY A 306 -10.07 16.24 -30.72
C GLY A 306 -10.47 17.48 -29.96
N GLU A 307 -11.52 17.39 -29.13
CA GLU A 307 -11.90 18.53 -28.30
C GLU A 307 -10.76 18.94 -27.39
N LEU A 308 -10.11 17.97 -26.74
CA LEU A 308 -9.00 18.28 -25.85
C LEU A 308 -7.86 18.93 -26.61
N ARG A 309 -7.56 18.41 -27.80
CA ARG A 309 -6.45 18.92 -28.58
C ARG A 309 -6.71 20.34 -29.08
N ASP A 310 -7.92 20.60 -29.56
CA ASP A 310 -8.27 21.91 -30.09
C ASP A 310 -8.27 22.99 -29.02
N LYS A 311 -8.22 22.60 -27.74
CA LYS A 311 -8.18 23.54 -26.63
C LYS A 311 -6.90 23.46 -25.82
N GLY A 312 -5.97 22.58 -26.20
CA GLY A 312 -4.66 22.54 -25.54
C GLY A 312 -4.62 21.81 -24.22
N SER A 313 -5.52 20.85 -23.99
CA SER A 313 -5.57 20.10 -22.75
C SER A 313 -5.31 18.61 -23.01
N SER A 314 -5.02 17.89 -21.94
CA SER A 314 -4.77 16.45 -22.01
C SER A 314 -5.65 15.72 -21.02
N LEU A 315 -6.00 14.48 -21.34
CA LEU A 315 -6.83 13.67 -20.47
C LEU A 315 -6.18 12.32 -20.25
N VAL A 316 -6.15 11.89 -19.00
CA VAL A 316 -5.73 10.55 -18.61
C VAL A 316 -6.93 9.90 -17.92
N THR A 317 -7.24 8.66 -18.27
CA THR A 317 -8.41 8.00 -17.72
C THR A 317 -8.22 6.49 -17.65
N GLY A 318 -8.87 5.88 -16.67
CA GLY A 318 -8.95 4.44 -16.61
C GLY A 318 -10.00 3.91 -17.56
N ILE A 319 -9.76 2.66 -18.01
CA ILE A 319 -10.64 1.99 -18.95
C ILE A 319 -10.26 0.52 -18.96
N VAL A 320 -11.18 -0.34 -19.39
CA VAL A 320 -10.91 -1.76 -19.53
C VAL A 320 -10.57 -2.04 -21.00
N ASP A 321 -9.46 -2.72 -21.25
CA ASP A 321 -9.01 -2.98 -22.61
C ASP A 321 -8.89 -4.48 -22.85
N ALA A 322 -9.88 -5.05 -23.53
CA ALA A 322 -9.76 -6.39 -24.08
C ALA A 322 -9.07 -6.28 -25.43
N ARG A 323 -7.77 -6.55 -25.45
CA ARG A 323 -6.96 -6.40 -26.65
C ARG A 323 -6.70 -7.77 -27.26
N LEU A 324 -7.09 -7.94 -28.52
CA LEU A 324 -6.85 -9.19 -29.20
C LEU A 324 -5.35 -9.41 -29.37
N ASN A 325 -4.87 -10.56 -28.91
CA ASN A 325 -3.45 -10.88 -29.04
C ASN A 325 -3.21 -11.67 -30.32
N LYS A 326 -1.97 -12.06 -30.53
CA LYS A 326 -1.59 -12.76 -31.75
C LYS A 326 -2.10 -14.20 -31.77
N GLN A 327 -2.51 -14.75 -30.63
CA GLN A 327 -3.19 -16.04 -30.56
C GLN A 327 -4.69 -15.90 -30.79
N ASN A 328 -5.15 -14.71 -31.14
CA ASN A 328 -6.57 -14.44 -31.36
C ASN A 328 -7.41 -14.79 -30.14
N ARG A 329 -6.85 -14.51 -28.98
CA ARG A 329 -7.59 -14.48 -27.72
C ARG A 329 -7.57 -13.06 -27.21
N TYR A 330 -8.35 -12.80 -26.17
CA TYR A 330 -8.46 -11.46 -25.63
C TYR A 330 -7.75 -11.40 -24.29
N ASP A 331 -6.69 -10.59 -24.23
CA ASP A 331 -6.11 -10.17 -22.97
C ASP A 331 -6.95 -9.00 -22.45
N THR A 332 -7.53 -9.15 -21.28
CA THR A 332 -8.33 -8.11 -20.66
C THR A 332 -7.46 -7.39 -19.63
N TYR A 333 -7.24 -6.10 -19.86
CA TYR A 333 -6.35 -5.30 -19.05
C TYR A 333 -7.14 -4.22 -18.29
N ASN A 334 -6.71 -3.95 -17.06
CA ASN A 334 -7.13 -2.78 -16.32
C ASN A 334 -6.12 -1.68 -16.65
N THR A 335 -6.56 -0.64 -17.34
CA THR A 335 -5.70 0.17 -18.19
C THR A 335 -5.87 1.66 -17.93
N ILE A 336 -4.80 2.41 -18.21
CA ILE A 336 -4.82 3.86 -18.29
C ILE A 336 -4.51 4.25 -19.73
N ILE A 337 -5.30 5.17 -20.29
CA ILE A 337 -5.05 5.71 -21.63
C ILE A 337 -4.94 7.23 -21.55
N THR A 338 -4.34 7.79 -22.60
CA THR A 338 -4.10 9.22 -22.71
C THR A 338 -4.71 9.78 -23.98
N LEU A 339 -5.10 11.05 -23.93
CA LEU A 339 -5.72 11.71 -25.07
C LEU A 339 -5.36 13.19 -25.07
N GLY A 340 -5.58 13.83 -26.21
CA GLY A 340 -5.43 15.26 -26.30
C GLY A 340 -3.99 15.68 -26.56
N LYS A 341 -3.67 16.90 -26.13
CA LYS A 341 -2.43 17.54 -26.52
C LYS A 341 -1.23 16.78 -25.98
N GLY A 342 -0.27 16.51 -26.87
CA GLY A 342 0.91 15.76 -26.50
C GLY A 342 0.67 14.30 -26.25
N ALA A 343 -0.55 13.81 -26.50
CA ALA A 343 -0.87 12.39 -26.34
C ALA A 343 -2.00 12.06 -27.28
N PRO A 344 -1.75 12.13 -28.60
CA PRO A 344 -2.80 11.82 -29.57
C PRO A 344 -3.36 10.43 -29.35
N TYR A 345 -4.67 10.36 -29.13
CA TYR A 345 -5.25 9.07 -28.80
C TYR A 345 -5.22 8.14 -30.01
N SER A 346 -4.97 6.86 -29.75
CA SER A 346 -4.95 5.83 -30.75
C SER A 346 -5.07 4.50 -30.04
N TYR A 347 -5.84 3.57 -30.62
CA TYR A 347 -5.90 2.24 -30.04
C TYR A 347 -4.53 1.57 -30.06
N GLU A 348 -3.68 1.93 -31.02
CA GLU A 348 -2.37 1.32 -31.17
C GLU A 348 -1.27 2.13 -30.49
N SER A 349 -1.62 3.18 -29.77
CA SER A 349 -0.63 3.97 -29.07
C SER A 349 0.04 3.15 -27.96
N ALA A 350 1.32 3.41 -27.76
CA ALA A 350 2.05 2.86 -26.62
C ALA A 350 1.97 3.75 -25.39
N ASP A 351 1.29 4.89 -25.49
CA ASP A 351 1.16 5.85 -24.39
C ASP A 351 0.03 5.39 -23.47
N ARG A 352 0.30 4.31 -22.74
CA ARG A 352 -0.74 3.66 -21.95
C ARG A 352 -0.06 2.85 -20.84
N TYR A 353 -0.87 2.36 -19.93
CA TYR A 353 -0.41 1.59 -18.78
C TYR A 353 -1.39 0.48 -18.49
N ASN A 354 -0.88 -0.74 -18.36
CA ASN A 354 -1.68 -1.91 -18.00
C ASN A 354 -1.29 -2.38 -16.61
N LYS A 355 -2.28 -2.52 -15.73
CA LYS A 355 -2.04 -2.97 -14.36
C LYS A 355 -1.23 -4.26 -14.34
N ASN A 356 -0.16 -4.28 -13.55
CA ASN A 356 0.67 -5.47 -13.44
C ASN A 356 0.25 -6.35 -12.26
N HIS A 357 0.04 -5.76 -11.08
CA HIS A 357 -0.18 -6.53 -9.86
C HIS A 357 -1.66 -6.54 -9.55
N LEU A 358 -2.32 -7.64 -9.89
CA LEU A 358 -3.75 -7.77 -9.67
C LEU A 358 -4.05 -7.96 -8.19
N VAL A 359 -5.24 -7.51 -7.79
CA VAL A 359 -5.65 -7.54 -6.40
C VAL A 359 -6.08 -8.96 -6.03
N PRO A 360 -5.43 -9.60 -5.07
CA PRO A 360 -5.81 -10.98 -4.72
C PRO A 360 -7.24 -11.03 -4.21
N PHE A 361 -8.01 -11.98 -4.74
CA PHE A 361 -9.42 -12.17 -4.42
C PHE A 361 -10.30 -11.07 -5.02
N GLY A 362 -9.70 -10.04 -5.58
CA GLY A 362 -10.47 -9.04 -6.30
C GLY A 362 -10.44 -9.27 -7.81
N GLU A 363 -9.25 -9.29 -8.38
CA GLU A 363 -9.07 -9.45 -9.82
C GLU A 363 -8.60 -10.85 -10.21
N PHE A 364 -8.20 -11.66 -9.25
CA PHE A 364 -7.90 -13.08 -9.44
C PHE A 364 -8.04 -13.77 -8.09
N VAL A 365 -7.95 -15.08 -8.09
CA VAL A 365 -7.91 -15.86 -6.87
C VAL A 365 -6.60 -16.64 -6.85
N PRO A 366 -5.77 -16.51 -5.82
CA PRO A 366 -4.49 -17.23 -5.81
C PRO A 366 -4.68 -18.73 -5.89
N LEU A 367 -3.79 -19.39 -6.62
CA LEU A 367 -3.78 -20.83 -6.88
C LEU A 367 -4.84 -21.27 -7.89
N GLU A 368 -5.45 -20.33 -8.61
CA GLU A 368 -6.52 -20.69 -9.54
C GLU A 368 -6.00 -21.44 -10.74
N SER A 369 -4.81 -21.06 -11.25
CA SER A 369 -4.27 -21.70 -12.43
C SER A 369 -4.04 -23.19 -12.23
N ILE A 370 -3.71 -23.59 -11.01
CA ILE A 370 -3.45 -25.01 -10.74
C ILE A 370 -4.75 -25.80 -10.76
N LEU A 371 -5.84 -25.19 -10.28
CA LEU A 371 -7.10 -25.89 -10.11
C LEU A 371 -8.00 -25.83 -11.34
N ARG A 372 -7.68 -24.96 -12.30
CA ARG A 372 -8.61 -24.69 -13.40
C ARG A 372 -8.96 -25.92 -14.24
N PRO A 373 -8.03 -26.78 -14.63
CA PRO A 373 -8.39 -27.93 -15.46
C PRO A 373 -9.63 -28.68 -15.00
N LEU A 374 -9.93 -28.68 -13.70
CA LEU A 374 -11.04 -29.44 -13.17
C LEU A 374 -12.34 -28.67 -13.10
N ALA A 375 -12.29 -27.34 -13.18
CA ALA A 375 -13.49 -26.55 -12.97
C ALA A 375 -14.43 -26.66 -14.17
N PRO A 376 -15.74 -26.75 -13.95
CA PRO A 376 -16.68 -26.69 -15.07
C PRO A 376 -16.60 -25.35 -15.77
N PHE A 377 -16.65 -25.38 -17.11
CA PHE A 377 -16.50 -24.14 -17.87
C PHE A 377 -17.57 -23.13 -17.53
N PHE A 378 -18.80 -23.60 -17.27
CA PHE A 378 -19.90 -22.70 -16.94
C PHE A 378 -19.71 -21.99 -15.60
N ASP A 379 -18.88 -22.53 -14.69
CA ASP A 379 -18.65 -21.87 -13.40
C ASP A 379 -17.48 -20.89 -13.43
N LEU A 380 -16.60 -20.97 -14.43
CA LEU A 380 -15.47 -20.05 -14.48
C LEU A 380 -15.95 -18.64 -14.73
N PRO A 381 -15.20 -17.62 -14.30
CA PRO A 381 -15.54 -16.25 -14.66
C PRO A 381 -15.60 -16.08 -16.16
N MET A 382 -16.49 -15.20 -16.61
CA MET A 382 -16.59 -14.90 -18.03
C MET A 382 -15.25 -14.44 -18.57
N SER A 383 -14.63 -13.47 -17.90
CA SER A 383 -13.35 -12.93 -18.30
C SER A 383 -12.50 -12.74 -17.04
N SER A 384 -11.20 -12.98 -17.17
CA SER A 384 -10.25 -12.71 -16.10
C SER A 384 -9.16 -11.80 -16.63
N PHE A 385 -8.63 -10.98 -15.72
CA PHE A 385 -7.69 -9.94 -16.10
C PHE A 385 -6.31 -10.51 -16.40
N SER A 386 -5.64 -9.90 -17.38
CA SER A 386 -4.24 -10.18 -17.66
C SER A 386 -3.35 -9.12 -17.01
N ARG A 387 -2.05 -9.39 -17.02
CA ARG A 387 -1.07 -8.62 -16.26
C ARG A 387 -0.15 -7.89 -17.23
N GLY A 388 -0.08 -6.57 -17.10
CA GLY A 388 0.94 -5.79 -17.77
C GLY A 388 2.31 -6.08 -17.20
N PRO A 389 3.37 -5.68 -17.91
CA PRO A 389 4.73 -6.00 -17.46
C PRO A 389 5.08 -5.26 -16.18
N TYR A 390 6.04 -5.82 -15.45
CA TYR A 390 6.44 -5.26 -14.16
C TYR A 390 6.99 -3.84 -14.32
N ILE A 391 7.69 -3.58 -15.42
CA ILE A 391 8.20 -2.24 -15.74
C ILE A 391 7.48 -1.75 -16.98
N GLN A 392 6.99 -0.52 -16.93
CA GLN A 392 6.40 0.12 -18.10
C GLN A 392 6.87 1.57 -18.14
N PRO A 393 6.99 2.14 -19.34
CA PRO A 393 7.42 3.54 -19.46
C PRO A 393 6.43 4.47 -18.77
N PRO A 394 6.87 5.66 -18.37
CA PRO A 394 5.92 6.67 -17.91
C PRO A 394 4.95 7.02 -19.02
N LEU A 395 3.70 7.26 -18.64
CA LEU A 395 2.78 7.94 -19.55
C LEU A 395 3.30 9.34 -19.85
N SER A 396 2.96 9.84 -21.04
CA SER A 396 3.32 11.18 -21.45
C SER A 396 2.05 11.92 -21.87
N ALA A 397 1.82 13.10 -21.29
CA ALA A 397 0.66 13.90 -21.65
C ALA A 397 0.99 15.36 -21.51
N ASN A 398 0.73 16.14 -22.56
CA ASN A 398 0.95 17.58 -22.54
C ASN A 398 2.39 17.90 -22.11
N GLY A 399 3.33 17.05 -22.53
CA GLY A 399 4.71 17.21 -22.15
C GLY A 399 5.09 16.68 -20.79
N ILE A 400 4.12 16.16 -20.03
CA ILE A 400 4.31 15.76 -18.64
C ILE A 400 4.57 14.26 -18.59
N GLU A 401 5.59 13.85 -17.84
CA GLU A 401 5.91 12.43 -17.62
C GLU A 401 5.22 11.96 -16.34
N LEU A 402 4.43 10.89 -16.43
CA LEU A 402 3.67 10.39 -15.29
C LEU A 402 3.99 8.93 -15.05
N THR A 403 4.58 8.63 -13.89
CA THR A 403 4.80 7.26 -13.48
C THR A 403 3.50 6.75 -12.86
N ALA A 404 2.94 5.70 -13.44
CA ALA A 404 1.58 5.29 -13.17
C ALA A 404 1.52 4.03 -12.33
N ALA A 405 0.47 3.95 -11.51
CA ALA A 405 0.15 2.76 -10.72
C ALA A 405 -1.35 2.77 -10.52
N ILE A 406 -1.96 1.60 -10.53
CA ILE A 406 -3.40 1.48 -10.36
C ILE A 406 -3.72 0.89 -9.00
N CYS A 407 -4.44 1.66 -8.18
CA CYS A 407 -5.11 1.13 -6.98
C CYS A 407 -4.08 0.47 -6.09
N TYR A 408 -4.25 -0.81 -5.73
CA TYR A 408 -3.37 -1.55 -4.84
C TYR A 408 -1.89 -1.38 -5.18
N GLU A 409 -1.55 -1.09 -6.44
CA GLU A 409 -0.14 -1.09 -6.85
C GLU A 409 0.65 0.01 -6.16
N ILE A 410 0.00 1.10 -5.75
CA ILE A 410 0.73 2.20 -5.13
C ILE A 410 1.35 1.79 -3.79
N ILE A 411 0.85 0.72 -3.17
CA ILE A 411 1.43 0.26 -1.90
C ILE A 411 2.67 -0.59 -2.08
N LEU A 412 3.03 -0.90 -3.33
CA LEU A 412 4.21 -1.72 -3.63
C LEU A 412 5.37 -0.78 -3.91
N GLY A 413 6.09 -0.42 -2.84
CA GLY A 413 7.07 0.66 -2.93
C GLY A 413 8.20 0.34 -3.88
N GLU A 414 8.72 -0.89 -3.81
CA GLU A 414 9.83 -1.26 -4.70
C GLU A 414 9.40 -1.22 -6.16
N GLN A 415 8.20 -1.72 -6.46
CA GLN A 415 7.73 -1.71 -7.84
C GLN A 415 7.51 -0.30 -8.35
N VAL A 416 6.94 0.57 -7.52
CA VAL A 416 6.78 1.97 -7.92
C VAL A 416 8.14 2.58 -8.17
N ARG A 417 9.11 2.28 -7.29
CA ARG A 417 10.46 2.80 -7.44
C ARG A 417 11.15 2.24 -8.69
N ASP A 418 10.83 1.01 -9.08
CA ASP A 418 11.45 0.38 -10.25
C ASP A 418 10.89 0.95 -11.56
N ASN A 419 9.66 1.45 -11.56
CA ASN A 419 9.11 2.09 -12.75
C ASN A 419 9.45 3.57 -12.82
N PHE A 420 9.81 4.16 -11.69
CA PHE A 420 10.17 5.56 -11.64
C PHE A 420 11.41 5.82 -12.48
N ARG A 421 11.39 6.93 -13.22
CA ARG A 421 12.51 7.42 -14.01
C ARG A 421 12.93 8.79 -13.47
N PRO A 422 14.21 9.14 -13.55
CA PRO A 422 14.61 10.47 -13.03
C PRO A 422 13.90 11.62 -13.71
N ASP A 423 13.39 11.43 -14.93
CA ASP A 423 12.64 12.46 -15.63
C ASP A 423 11.15 12.43 -15.32
N THR A 424 10.70 11.50 -14.48
CA THR A 424 9.32 11.54 -14.01
C THR A 424 9.05 12.90 -13.39
N ASP A 425 7.91 13.49 -13.77
CA ASP A 425 7.46 14.76 -13.19
C ASP A 425 6.48 14.55 -12.05
N TYR A 426 5.62 13.54 -12.15
CA TYR A 426 4.61 13.28 -11.15
C TYR A 426 4.41 11.77 -11.06
N LEU A 427 4.08 11.33 -9.86
CA LEU A 427 3.46 10.03 -9.68
C LEU A 427 1.97 10.15 -9.93
N LEU A 428 1.42 9.15 -10.59
CA LEU A 428 -0.01 9.08 -10.86
C LEU A 428 -0.56 7.79 -10.29
N THR A 429 -1.64 7.89 -9.53
CA THR A 429 -2.43 6.72 -9.16
C THR A 429 -3.88 7.03 -9.39
N ILE A 430 -4.59 6.10 -10.00
CA ILE A 430 -6.04 6.18 -10.13
C ILE A 430 -6.63 4.93 -9.50
N SER A 431 -7.74 5.09 -8.79
CA SER A 431 -8.24 4.05 -7.93
C SER A 431 -9.75 4.12 -7.84
N ASN A 432 -10.34 3.05 -7.32
CA ASN A 432 -11.77 3.02 -7.00
C ASN A 432 -11.87 2.24 -5.71
N ASP A 433 -12.03 2.97 -4.59
CA ASP A 433 -12.16 2.37 -3.27
C ASP A 433 -13.61 2.34 -2.80
N ALA A 434 -14.56 2.49 -3.71
CA ALA A 434 -15.97 2.44 -3.36
C ALA A 434 -16.37 1.08 -2.79
N TRP A 435 -15.63 0.02 -3.13
CA TRP A 435 -15.97 -1.30 -2.64
C TRP A 435 -16.10 -1.32 -1.13
N PHE A 436 -15.32 -0.50 -0.44
CA PHE A 436 -15.17 -0.58 1.00
C PHE A 436 -15.89 0.54 1.74
N GLY A 437 -16.77 1.25 1.05
CA GLY A 437 -17.65 2.23 1.66
C GLY A 437 -16.99 3.16 2.65
N LYS A 438 -17.55 3.24 3.86
CA LYS A 438 -17.16 4.24 4.85
C LYS A 438 -16.19 3.67 5.88
N SER A 439 -15.43 2.65 5.50
CA SER A 439 -14.52 1.97 6.41
C SER A 439 -13.16 2.66 6.43
N ILE A 440 -12.28 2.15 7.30
CA ILE A 440 -10.92 2.67 7.41
C ILE A 440 -10.01 2.19 6.29
N GLY A 441 -10.45 1.24 5.49
CA GLY A 441 -9.66 0.71 4.40
C GLY A 441 -9.12 1.80 3.49
N PRO A 442 -10.03 2.56 2.87
CA PRO A 442 -9.58 3.63 1.97
C PRO A 442 -8.61 4.60 2.61
N TRP A 443 -8.71 4.81 3.93
CA TRP A 443 -7.78 5.73 4.61
C TRP A 443 -6.40 5.11 4.75
N GLN A 444 -6.34 3.83 5.11
CA GLN A 444 -5.04 3.17 5.17
C GLN A 444 -4.38 3.17 3.79
N HIS A 445 -5.18 2.92 2.76
CA HIS A 445 -4.68 2.92 1.38
C HIS A 445 -4.13 4.30 1.01
N PHE A 446 -4.91 5.34 1.30
CA PHE A 446 -4.44 6.72 1.07
C PHE A 446 -3.13 6.99 1.79
N GLN A 447 -3.00 6.53 3.03
CA GLN A 447 -1.78 6.78 3.80
C GLN A 447 -0.57 6.15 3.12
N MET A 448 -0.70 4.92 2.65
CA MET A 448 0.42 4.29 1.97
C MET A 448 0.75 5.00 0.67
N ALA A 449 -0.26 5.51 -0.03
CA ALA A 449 0.00 6.28 -1.24
C ALA A 449 0.89 7.48 -0.96
N ARG A 450 0.72 8.13 0.19
CA ARG A 450 1.52 9.30 0.52
C ARG A 450 2.99 8.95 0.70
N MET A 451 3.28 7.75 1.19
CA MET A 451 4.67 7.34 1.41
C MET A 451 5.46 7.27 0.10
N ARG A 452 4.82 6.93 -1.02
CA ARG A 452 5.54 6.87 -2.29
C ARG A 452 6.05 8.23 -2.70
N ALA A 453 5.25 9.29 -2.50
CA ALA A 453 5.69 10.62 -2.87
C ALA A 453 6.87 11.07 -2.01
N LEU A 454 6.84 10.74 -0.72
CA LEU A 454 7.96 11.05 0.15
C LEU A 454 9.20 10.26 -0.23
N GLU A 455 9.05 8.97 -0.52
CA GLU A 455 10.21 8.14 -0.87
C GLU A 455 10.90 8.64 -2.12
N LEU A 456 10.13 9.07 -3.13
CA LEU A 456 10.67 9.40 -4.44
C LEU A 456 10.74 10.90 -4.69
N ALA A 457 10.25 11.72 -3.76
CA ALA A 457 10.36 13.18 -3.84
C ALA A 457 9.73 13.71 -5.13
N ARG A 458 8.48 13.30 -5.37
CA ARG A 458 7.68 13.76 -6.49
C ARG A 458 6.27 13.98 -5.98
N PRO A 459 5.55 14.95 -6.52
CA PRO A 459 4.13 15.04 -6.21
C PRO A 459 3.38 13.85 -6.78
N LEU A 460 2.29 13.49 -6.11
CA LEU A 460 1.48 12.34 -6.50
C LEU A 460 0.05 12.81 -6.74
N LEU A 461 -0.48 12.52 -7.91
CA LEU A 461 -1.85 12.86 -8.28
C LEU A 461 -2.68 11.59 -8.09
N ARG A 462 -3.49 11.56 -7.04
CA ARG A 462 -4.36 10.42 -6.76
C ARG A 462 -5.80 10.79 -7.13
N SER A 463 -6.31 10.14 -8.18
CA SER A 463 -7.67 10.35 -8.66
C SER A 463 -8.48 9.10 -8.34
N THR A 464 -9.64 9.27 -7.71
CA THR A 464 -10.45 8.14 -7.27
C THR A 464 -11.91 8.34 -7.63
N ASN A 465 -12.64 7.23 -7.62
CA ASN A 465 -14.06 7.23 -7.91
C ASN A 465 -14.83 8.02 -6.86
N ASN A 466 -14.60 7.71 -5.60
CA ASN A 466 -15.22 8.47 -4.52
C ASN A 466 -14.34 8.50 -3.28
N GLY A 467 -13.06 8.15 -3.38
CA GLY A 467 -12.30 7.67 -2.25
C GLY A 467 -10.94 8.28 -2.08
N ILE A 468 -10.92 9.46 -1.48
CA ILE A 468 -9.73 10.27 -1.24
C ILE A 468 -8.97 10.54 -2.53
N THR A 469 -9.49 11.50 -3.29
CA THR A 469 -8.79 12.16 -4.38
C THR A 469 -7.97 13.30 -3.81
N ALA A 470 -6.71 13.40 -4.23
CA ALA A 470 -5.85 14.40 -3.62
C ALA A 470 -4.57 14.60 -4.42
N VAL A 471 -3.91 15.71 -4.13
CA VAL A 471 -2.56 15.99 -4.61
C VAL A 471 -1.65 15.90 -3.40
N ILE A 472 -0.65 15.02 -3.48
CA ILE A 472 0.32 14.85 -2.40
C ILE A 472 1.61 15.53 -2.81
N GLY A 473 2.21 16.26 -1.89
CA GLY A 473 3.42 16.99 -2.16
C GLY A 473 4.64 16.09 -2.04
N PRO A 474 5.78 16.61 -2.50
CA PRO A 474 6.97 15.76 -2.60
C PRO A 474 7.58 15.36 -1.26
N GLN A 475 6.96 15.73 -0.14
CA GLN A 475 7.35 15.22 1.17
C GLN A 475 6.18 14.53 1.86
N GLY A 476 5.26 13.98 1.07
CA GLY A 476 4.14 13.25 1.63
C GLY A 476 3.03 14.08 2.21
N GLU A 477 3.09 15.40 2.07
CA GLU A 477 2.07 16.27 2.63
C GLU A 477 0.89 16.42 1.69
N ILE A 478 -0.29 16.57 2.26
CA ILE A 478 -1.51 16.76 1.47
C ILE A 478 -1.55 18.22 1.02
N GLN A 479 -1.35 18.45 -0.28
CA GLN A 479 -1.46 19.81 -0.80
CA GLN A 479 -1.46 19.81 -0.80
C GLN A 479 -2.90 20.17 -1.15
N ALA A 480 -3.73 19.18 -1.49
CA ALA A 480 -5.11 19.45 -1.85
C ALA A 480 -5.89 18.14 -1.80
N MET A 481 -7.18 18.25 -1.47
CA MET A 481 -8.02 17.08 -1.28
C MET A 481 -9.47 17.50 -1.42
N ILE A 482 -10.32 16.57 -1.83
CA ILE A 482 -11.76 16.76 -1.81
C ILE A 482 -12.37 15.68 -0.93
N PRO A 483 -13.55 15.93 -0.36
CA PRO A 483 -14.15 14.93 0.52
C PRO A 483 -14.52 13.67 -0.24
N GLN A 484 -14.62 12.57 0.50
CA GLN A 484 -15.16 11.34 -0.06
C GLN A 484 -16.64 11.52 -0.37
N PHE A 485 -17.16 10.61 -1.19
CA PHE A 485 -18.61 10.44 -1.36
C PHE A 485 -19.25 11.72 -1.90
N THR A 486 -18.54 12.41 -2.79
CA THR A 486 -19.04 13.61 -3.43
C THR A 486 -18.76 13.52 -4.92
N ARG A 487 -19.69 14.02 -5.73
CA ARG A 487 -19.46 14.21 -7.16
C ARG A 487 -18.89 15.61 -7.36
N GLU A 488 -17.61 15.70 -7.70
CA GLU A 488 -16.92 16.97 -7.61
C GLU A 488 -15.57 16.88 -8.31
N VAL A 489 -15.01 18.04 -8.67
CA VAL A 489 -13.72 18.13 -9.34
C VAL A 489 -12.74 18.83 -8.41
N LEU A 490 -11.55 18.23 -8.26
CA LEU A 490 -10.45 18.87 -7.54
C LEU A 490 -9.56 19.56 -8.57
N THR A 491 -9.52 20.87 -8.54
CA THR A 491 -8.69 21.66 -9.44
C THR A 491 -7.72 22.51 -8.64
N THR A 492 -6.45 22.47 -9.03
CA THR A 492 -5.42 23.18 -8.30
C THR A 492 -4.18 23.29 -9.19
N ASN A 493 -3.28 24.17 -8.79
CA ASN A 493 -1.99 24.28 -9.44
C ASN A 493 -1.02 23.31 -8.79
N VAL A 494 -0.28 22.58 -9.62
CA VAL A 494 0.72 21.65 -9.14
C VAL A 494 2.04 21.99 -9.80
N THR A 495 3.12 21.75 -9.07
CA THR A 495 4.45 22.04 -9.55
C THR A 495 5.29 20.78 -9.54
N PRO A 496 5.89 20.38 -10.66
CA PRO A 496 6.72 19.17 -10.65
C PRO A 496 8.07 19.44 -10.00
N THR A 497 8.73 18.35 -9.63
CA THR A 497 10.03 18.41 -8.97
C THR A 497 10.98 17.46 -9.69
N THR A 498 12.27 17.74 -9.52
CA THR A 498 13.32 16.90 -10.07
C THR A 498 14.34 16.65 -8.97
N GLY A 499 15.22 15.71 -9.22
CA GLY A 499 16.17 15.27 -8.22
C GLY A 499 15.90 13.83 -7.82
N LEU A 500 16.96 13.17 -7.37
CA LEU A 500 16.92 11.76 -7.02
C LEU A 500 17.11 11.61 -5.51
N THR A 501 16.12 11.03 -4.85
CA THR A 501 16.34 10.62 -3.46
C THR A 501 17.31 9.45 -3.43
N PRO A 502 18.00 9.24 -2.30
CA PRO A 502 18.82 8.03 -2.19
C PRO A 502 18.05 6.75 -2.42
N TYR A 503 16.81 6.65 -1.93
CA TYR A 503 16.05 5.43 -2.13
C TYR A 503 15.71 5.22 -3.60
N ALA A 504 15.44 6.30 -4.33
CA ALA A 504 15.19 6.16 -5.75
C ALA A 504 16.42 5.64 -6.48
N ARG A 505 17.62 6.08 -6.09
CA ARG A 505 18.82 5.63 -6.76
C ARG A 505 19.10 4.14 -6.49
N THR A 506 18.86 3.67 -5.26
CA THR A 506 19.29 2.35 -4.83
C THR A 506 18.16 1.33 -4.77
N GLY A 507 16.98 1.71 -4.33
CA GLY A 507 15.99 0.73 -3.97
C GLY A 507 16.26 0.26 -2.55
N ASN A 508 15.77 -0.94 -2.24
CA ASN A 508 15.82 -1.46 -0.89
C ASN A 508 17.05 -2.33 -0.61
N TRP A 509 17.94 -2.50 -1.58
CA TRP A 509 19.08 -3.37 -1.35
C TRP A 509 19.99 -2.88 -0.22
N PRO A 510 20.10 -1.59 0.10
CA PRO A 510 20.89 -1.21 1.27
C PRO A 510 20.28 -1.67 2.58
N LEU A 511 18.95 -1.68 2.70
CA LEU A 511 18.34 -2.20 3.92
C LEU A 511 18.57 -3.70 4.03
N TRP A 512 18.52 -4.42 2.91
CA TRP A 512 18.77 -5.85 2.94
C TRP A 512 20.20 -6.15 3.38
N VAL A 513 21.17 -5.33 2.96
CA VAL A 513 22.55 -5.53 3.41
C VAL A 513 22.62 -5.40 4.92
N LEU A 514 22.02 -4.32 5.45
CA LEU A 514 21.94 -4.15 6.89
C LEU A 514 21.25 -5.33 7.55
N THR A 515 20.12 -5.78 6.97
CA THR A 515 19.44 -6.95 7.50
C THR A 515 20.34 -8.18 7.51
N ALA A 516 21.13 -8.35 6.46
CA ALA A 516 22.00 -9.53 6.40
C ALA A 516 23.11 -9.45 7.44
N LEU A 517 23.65 -8.25 7.68
CA LEU A 517 24.68 -8.08 8.70
C LEU A 517 24.10 -8.32 10.09
N PHE A 518 23.05 -7.58 10.45
CA PHE A 518 22.37 -7.80 11.72
C PHE A 518 22.04 -9.28 11.92
N GLY A 519 21.48 -9.91 10.88
CA GLY A 519 21.07 -11.30 11.01
C GLY A 519 22.25 -12.25 11.08
N PHE A 520 23.25 -12.03 10.21
CA PHE A 520 24.47 -12.82 10.30
C PHE A 520 25.07 -12.73 11.69
N ALA A 521 25.27 -11.51 12.18
CA ALA A 521 25.86 -11.33 13.51
C ALA A 521 25.05 -12.01 14.59
N ALA A 522 23.72 -11.92 14.52
CA ALA A 522 22.88 -12.53 15.55
C ALA A 522 22.94 -14.05 15.50
N VAL A 523 22.80 -14.62 14.29
CA VAL A 523 22.82 -16.07 14.14
C VAL A 523 24.17 -16.63 14.58
N LEU A 524 25.26 -15.99 14.16
CA LEU A 524 26.58 -16.41 14.60
C LEU A 524 26.63 -16.50 16.12
N MET A 525 26.16 -15.46 16.80
CA MET A 525 26.21 -15.43 18.25
C MET A 525 25.32 -16.49 18.86
N SER A 526 24.15 -16.73 18.27
CA SER A 526 23.26 -17.76 18.78
C SER A 526 23.89 -19.15 18.65
N LEU A 527 24.57 -19.40 17.54
CA LEU A 527 25.26 -20.69 17.37
C LEU A 527 26.41 -20.84 18.37
N ARG A 528 27.09 -19.73 18.69
CA ARG A 528 28.14 -19.78 19.70
C ARG A 528 27.57 -20.09 21.08
N GLN A 529 26.45 -19.44 21.42
CA GLN A 529 25.78 -19.71 22.69
C GLN A 529 25.52 -21.21 22.86
N ARG A 530 25.24 -21.91 21.77
CA ARG A 530 25.01 -23.35 21.81
C ARG A 530 26.32 -24.11 21.68
N ARG A 531 26.37 -25.27 22.31
CA ARG A 531 27.57 -26.13 22.30
C ARG A 531 28.83 -25.35 22.62
#